data_2R78
#
_entry.id   2R78
#
_cell.length_a   51.248
_cell.length_b   62.501
_cell.length_c   71.203
_cell.angle_alpha   90.00
_cell.angle_beta   94.82
_cell.angle_gamma   90.00
#
_symmetry.space_group_name_H-M   'P 1 21 1'
#
loop_
_entity.id
_entity.type
_entity.pdbx_description
1 polymer 'Sensor protein'
2 non-polymer 'ACETATE ION'
3 water water
#
_entity_poly.entity_id   1
_entity_poly.type   'polypeptide(L)'
_entity_poly.pdbx_seq_one_letter_code
;LGTENLYFQSNAYRALFEHAIDGIFI(MSE)DAEGHYLDVNPAICSAIGYTRDEFLALDWGVLSRGVDSGWAAASLARIV
GGEPLREERTVWTRNGDQLTVELSAHLLPDGKILGIARDVS
;
_entity_poly.pdbx_strand_id   A,B,C,D
#
loop_
_chem_comp.id
_chem_comp.type
_chem_comp.name
_chem_comp.formula
ACT non-polymer 'ACETATE ION' 'C2 H3 O2 -1'
#
# COMPACT_ATOMS: atom_id res chain seq x y z
N GLY A 2 -16.58 -6.69 -4.74
CA GLY A 2 -15.69 -6.27 -5.83
C GLY A 2 -14.24 -6.68 -5.63
N THR A 3 -13.63 -7.13 -6.73
CA THR A 3 -12.22 -7.51 -6.80
C THR A 3 -11.41 -6.73 -7.86
N GLU A 4 -12.06 -5.78 -8.54
CA GLU A 4 -11.43 -5.01 -9.60
C GLU A 4 -10.87 -3.71 -8.99
N ASN A 5 -9.87 -3.89 -8.12
CA ASN A 5 -9.13 -2.76 -7.56
C ASN A 5 -7.70 -3.21 -7.28
N LEU A 6 -6.78 -2.25 -7.25
CA LEU A 6 -5.35 -2.57 -7.16
C LEU A 6 -4.90 -3.17 -5.83
N TYR A 7 -5.65 -2.91 -4.76
CA TYR A 7 -5.26 -3.39 -3.44
C TYR A 7 -5.56 -4.88 -3.35
N PHE A 8 -6.74 -5.26 -3.78
CA PHE A 8 -7.07 -6.68 -3.88
C PHE A 8 -6.00 -7.39 -4.73
N GLN A 9 -5.71 -6.83 -5.90
CA GLN A 9 -4.81 -7.50 -6.83
C GLN A 9 -3.39 -7.63 -6.27
N SER A 10 -2.92 -6.56 -5.65
CA SER A 10 -1.64 -6.55 -4.98
C SER A 10 -1.60 -7.60 -3.86
N ASN A 11 -2.65 -7.62 -3.04
CA ASN A 11 -2.80 -8.66 -2.01
C ASN A 11 -2.61 -10.07 -2.60
N ALA A 12 -3.35 -10.36 -3.67
CA ALA A 12 -3.38 -11.66 -4.28
C ALA A 12 -2.01 -12.01 -4.88
N TYR A 13 -1.32 -11.04 -5.46
CA TYR A 13 0.05 -11.29 -5.92
C TYR A 13 0.97 -11.68 -4.77
N ARG A 14 0.93 -10.90 -3.69
CA ARG A 14 1.78 -11.16 -2.52
C ARG A 14 1.59 -12.61 -2.04
N ALA A 15 0.34 -13.03 -1.93
CA ALA A 15 0.02 -14.39 -1.47
C ALA A 15 0.48 -15.46 -2.48
N LEU A 16 0.20 -15.23 -3.77
CA LEU A 16 0.63 -16.18 -4.80
C LEU A 16 2.15 -16.32 -4.81
N PHE A 17 2.83 -15.19 -4.76
CA PHE A 17 4.28 -15.20 -4.84
C PHE A 17 4.85 -16.01 -3.64
N GLU A 18 4.35 -15.73 -2.45
CA GLU A 18 4.88 -16.33 -1.23
C GLU A 18 4.57 -17.81 -1.21
N HIS A 19 3.34 -18.18 -1.56
CA HIS A 19 2.88 -19.56 -1.33
C HIS A 19 2.92 -20.51 -2.52
N ALA A 20 3.21 -20.00 -3.71
CA ALA A 20 3.24 -20.83 -4.89
C ALA A 20 4.24 -21.96 -4.71
N ILE A 21 3.89 -23.15 -5.20
CA ILE A 21 4.84 -24.26 -5.24
C ILE A 21 5.81 -24.12 -6.42
N ASP A 22 5.30 -23.60 -7.55
CA ASP A 22 6.14 -23.23 -8.70
C ASP A 22 7.06 -22.06 -8.35
N GLY A 23 8.21 -22.02 -9.00
CA GLY A 23 9.09 -20.87 -8.89
C GLY A 23 8.49 -19.70 -9.68
N ILE A 24 8.61 -18.51 -9.11
CA ILE A 24 8.15 -17.28 -9.76
C ILE A 24 9.27 -16.28 -9.63
N PHE A 25 9.57 -15.62 -10.73
CA PHE A 25 10.61 -14.62 -10.72
C PHE A 25 10.20 -13.44 -11.57
N ILE A 26 10.82 -12.31 -11.26
CA ILE A 26 10.61 -11.08 -12.01
C ILE A 26 11.99 -10.67 -12.52
N MSE A 27 12.06 -10.24 -13.78
CA MSE A 27 13.32 -9.65 -14.26
C MSE A 27 13.01 -8.38 -15.03
O MSE A 27 11.85 -8.12 -15.39
CB MSE A 27 14.17 -10.60 -15.07
CG MSE A 27 13.63 -11.26 -16.21
SE MSE A 27 14.77 -12.86 -16.67
CE MSE A 27 13.48 -13.48 -18.00
N ASP A 28 14.04 -7.54 -15.14
CA ASP A 28 13.89 -6.31 -15.90
C ASP A 28 14.06 -6.62 -17.37
N ALA A 29 13.87 -5.63 -18.24
CA ALA A 29 13.94 -5.85 -19.67
C ALA A 29 15.30 -6.33 -20.15
N GLU A 30 16.36 -6.04 -19.36
CA GLU A 30 17.73 -6.46 -19.68
C GLU A 30 18.12 -7.83 -19.14
N GLY A 31 17.20 -8.48 -18.43
CA GLY A 31 17.40 -9.85 -17.99
C GLY A 31 18.06 -9.95 -16.63
N HIS A 32 18.12 -8.85 -15.91
CA HIS A 32 18.58 -8.87 -14.51
C HIS A 32 17.43 -9.35 -13.60
N TYR A 33 17.69 -10.39 -12.77
CA TYR A 33 16.67 -10.83 -11.82
C TYR A 33 16.43 -9.72 -10.80
N LEU A 34 15.14 -9.39 -10.61
CA LEU A 34 14.66 -8.39 -9.70
C LEU A 34 13.99 -8.94 -8.47
N ASP A 35 13.32 -10.08 -8.63
CA ASP A 35 12.72 -10.72 -7.48
C ASP A 35 12.59 -12.19 -7.77
N VAL A 36 12.60 -12.96 -6.69
CA VAL A 36 12.51 -14.41 -6.76
C VAL A 36 11.75 -14.88 -5.55
N ASN A 37 10.84 -15.85 -5.75
CA ASN A 37 10.00 -16.27 -4.62
C ASN A 37 10.64 -17.38 -3.79
N PRO A 38 10.04 -17.69 -2.64
CA PRO A 38 10.68 -18.73 -1.82
C PRO A 38 10.90 -20.07 -2.53
N ALA A 39 9.91 -20.55 -3.30
CA ALA A 39 10.02 -21.83 -4.01
C ALA A 39 11.26 -21.90 -4.90
N ILE A 40 11.50 -20.83 -5.68
CA ILE A 40 12.63 -20.86 -6.61
C ILE A 40 13.98 -20.76 -5.87
N CYS A 41 14.05 -19.99 -4.79
CA CYS A 41 15.26 -19.88 -3.97
C CYS A 41 15.61 -21.25 -3.35
N SER A 42 14.58 -21.91 -2.82
CA SER A 42 14.76 -23.27 -2.24
C SER A 42 15.15 -24.33 -3.29
N ALA A 43 14.49 -24.35 -4.45
CA ALA A 43 14.80 -25.32 -5.51
C ALA A 43 16.22 -25.16 -6.05
N ILE A 44 16.61 -23.92 -6.34
CA ILE A 44 17.86 -23.69 -7.06
C ILE A 44 19.02 -23.52 -6.10
N GLY A 45 18.75 -23.19 -4.86
CA GLY A 45 19.77 -23.14 -3.84
C GLY A 45 20.51 -21.84 -3.68
N TYR A 46 20.01 -20.76 -4.30
CA TYR A 46 20.50 -19.42 -4.04
C TYR A 46 19.56 -18.67 -3.10
N THR A 47 20.14 -17.82 -2.27
CA THR A 47 19.34 -16.89 -1.48
C THR A 47 18.84 -15.77 -2.40
N ARG A 48 17.86 -15.01 -1.93
CA ARG A 48 17.35 -13.88 -2.69
C ARG A 48 18.50 -12.93 -3.06
N ASP A 49 19.37 -12.63 -2.10
CA ASP A 49 20.47 -11.70 -2.40
C ASP A 49 21.48 -12.23 -3.42
N GLU A 50 21.73 -13.52 -3.40
CA GLU A 50 22.58 -14.14 -4.40
C GLU A 50 21.88 -14.08 -5.77
N PHE A 51 20.60 -14.39 -5.77
CA PHE A 51 19.83 -14.49 -7.00
C PHE A 51 19.77 -13.15 -7.73
N LEU A 52 19.56 -12.08 -6.96
CA LEU A 52 19.45 -10.71 -7.52
C LEU A 52 20.72 -10.14 -8.12
N ALA A 53 21.83 -10.88 -7.94
CA ALA A 53 23.10 -10.54 -8.57
C ALA A 53 23.35 -11.34 -9.85
N LEU A 54 22.36 -12.14 -10.26
CA LEU A 54 22.47 -12.92 -11.44
C LEU A 54 21.57 -12.40 -12.58
N ASP A 55 21.98 -12.78 -13.78
CA ASP A 55 21.24 -12.50 -15.00
C ASP A 55 20.67 -13.77 -15.63
N TRP A 56 19.62 -13.55 -16.42
CA TRP A 56 19.02 -14.54 -17.27
C TRP A 56 20.13 -15.22 -18.07
N GLY A 57 20.11 -16.53 -18.02
CA GLY A 57 21.07 -17.36 -18.72
C GLY A 57 22.06 -18.08 -17.80
N VAL A 58 22.28 -17.55 -16.61
CA VAL A 58 23.26 -18.16 -15.72
C VAL A 58 22.81 -19.54 -15.26
N LEU A 59 21.55 -19.63 -14.82
CA LEU A 59 21.02 -20.88 -14.24
C LEU A 59 21.10 -22.05 -15.24
N SER A 60 20.86 -21.76 -16.53
CA SER A 60 20.80 -22.81 -17.55
C SER A 60 22.06 -22.79 -18.42
N ARG A 61 23.04 -22.00 -18.00
CA ARG A 61 24.34 -21.92 -18.68
C ARG A 61 24.16 -21.63 -20.17
N GLY A 62 23.36 -20.61 -20.43
CA GLY A 62 22.98 -20.23 -21.78
C GLY A 62 23.39 -18.83 -22.15
N VAL A 63 24.38 -18.28 -21.45
CA VAL A 63 24.89 -16.94 -21.77
C VAL A 63 25.80 -17.07 -22.99
N ASP A 64 26.91 -17.79 -22.87
CA ASP A 64 27.88 -17.94 -23.98
C ASP A 64 27.29 -18.37 -25.30
N SER A 65 26.31 -19.28 -25.25
CA SER A 65 25.64 -19.80 -26.42
C SER A 65 24.78 -18.79 -27.17
N GLY A 66 24.50 -17.68 -26.50
CA GLY A 66 23.53 -16.71 -26.98
C GLY A 66 22.07 -17.06 -26.74
N TRP A 67 21.80 -18.20 -26.10
CA TRP A 67 20.41 -18.54 -25.77
C TRP A 67 19.75 -17.44 -24.94
N ALA A 68 20.46 -16.95 -23.93
CA ALA A 68 19.87 -15.96 -23.02
C ALA A 68 19.48 -14.71 -23.82
N ALA A 69 20.41 -14.20 -24.64
CA ALA A 69 20.15 -12.98 -25.42
C ALA A 69 19.02 -13.19 -26.43
N ALA A 70 19.02 -14.33 -27.12
CA ALA A 70 18.02 -14.61 -28.15
C ALA A 70 16.61 -14.74 -27.53
N SER A 71 16.52 -15.51 -26.44
CA SER A 71 15.25 -15.73 -25.78
C SER A 71 14.73 -14.44 -25.16
N LEU A 72 15.61 -13.69 -24.53
CA LEU A 72 15.20 -12.41 -23.91
C LEU A 72 14.61 -11.52 -25.00
N ALA A 73 15.28 -11.48 -26.14
CA ALA A 73 14.78 -10.58 -27.21
C ALA A 73 13.37 -10.99 -27.68
N ARG A 74 13.11 -12.29 -27.78
CA ARG A 74 11.78 -12.74 -28.18
C ARG A 74 10.76 -12.35 -27.10
N ILE A 75 11.14 -12.52 -25.84
CA ILE A 75 10.22 -12.16 -24.77
C ILE A 75 9.87 -10.67 -24.75
N VAL A 76 10.89 -9.80 -24.82
CA VAL A 76 10.62 -8.34 -24.78
C VAL A 76 9.93 -7.84 -26.04
N GLY A 77 10.06 -8.61 -27.13
CA GLY A 77 9.32 -8.36 -28.36
C GLY A 77 7.85 -8.74 -28.25
N GLY A 78 7.48 -9.45 -27.17
CA GLY A 78 6.08 -9.79 -26.88
C GLY A 78 5.65 -11.20 -27.17
N GLU A 79 6.60 -12.09 -27.48
CA GLU A 79 6.29 -13.51 -27.68
C GLU A 79 6.46 -14.22 -26.33
N PRO A 80 5.42 -14.94 -25.85
CA PRO A 80 5.60 -15.65 -24.58
C PRO A 80 6.62 -16.77 -24.73
N LEU A 81 7.39 -17.01 -23.69
CA LEU A 81 8.34 -18.13 -23.66
C LEU A 81 7.68 -19.32 -22.96
N ARG A 82 7.84 -20.50 -23.57
CA ARG A 82 7.57 -21.77 -22.89
C ARG A 82 8.60 -22.79 -23.40
N GLU A 83 9.56 -23.12 -22.57
CA GLU A 83 10.71 -23.96 -23.00
C GLU A 83 11.24 -24.70 -21.79
N GLU A 84 11.54 -25.98 -21.97
CA GLU A 84 12.26 -26.74 -20.97
C GLU A 84 13.76 -26.51 -21.09
N ARG A 85 14.40 -26.27 -19.95
CA ARG A 85 15.83 -26.07 -19.87
C ARG A 85 16.40 -26.85 -18.71
N THR A 86 17.60 -27.37 -18.90
CA THR A 86 18.38 -27.88 -17.80
C THR A 86 18.93 -26.67 -17.03
N VAL A 87 18.75 -26.68 -15.72
CA VAL A 87 19.32 -25.66 -14.86
C VAL A 87 20.18 -26.32 -13.81
N TRP A 88 21.16 -25.58 -13.29
CA TRP A 88 22.11 -26.08 -12.30
C TRP A 88 21.85 -25.35 -11.00
N THR A 89 21.79 -26.08 -9.91
CA THR A 89 21.67 -25.50 -8.60
C THR A 89 22.98 -24.87 -8.15
N ARG A 90 22.96 -24.13 -7.05
CA ARG A 90 24.19 -23.50 -6.51
C ARG A 90 25.25 -24.57 -6.31
N ASN A 91 24.85 -25.73 -5.81
CA ASN A 91 25.75 -26.85 -5.55
C ASN A 91 26.12 -27.68 -6.78
N GLY A 92 25.56 -27.35 -7.94
CA GLY A 92 25.96 -27.97 -9.20
C GLY A 92 25.15 -29.18 -9.62
N ASP A 93 24.07 -29.45 -8.90
CA ASP A 93 23.12 -30.48 -9.31
C ASP A 93 22.26 -30.00 -10.48
N GLN A 94 21.81 -30.93 -11.31
CA GLN A 94 21.03 -30.61 -12.52
C GLN A 94 19.55 -30.86 -12.32
N LEU A 95 18.73 -29.92 -12.80
CA LEU A 95 17.27 -30.03 -12.76
C LEU A 95 16.77 -29.80 -14.17
N THR A 96 15.60 -30.34 -14.49
CA THR A 96 14.94 -29.96 -15.73
C THR A 96 13.75 -29.13 -15.31
N VAL A 97 13.68 -27.91 -15.81
CA VAL A 97 12.55 -27.06 -15.47
C VAL A 97 11.87 -26.56 -16.72
N GLU A 98 10.56 -26.45 -16.64
CA GLU A 98 9.79 -25.79 -17.68
C GLU A 98 9.68 -24.31 -17.34
N LEU A 99 10.31 -23.48 -18.18
CA LEU A 99 10.32 -22.02 -18.00
C LEU A 99 9.26 -21.38 -18.85
N SER A 100 8.47 -20.52 -18.23
CA SER A 100 7.52 -19.68 -18.91
C SER A 100 7.87 -18.22 -18.58
N ALA A 101 7.67 -17.33 -19.54
CA ALA A 101 7.96 -15.91 -19.31
C ALA A 101 7.01 -15.03 -20.10
N HIS A 102 6.57 -13.94 -19.48
CA HIS A 102 5.58 -13.08 -20.07
C HIS A 102 5.92 -11.64 -19.73
N LEU A 103 5.70 -10.80 -20.72
CA LEU A 103 6.02 -9.41 -20.57
C LEU A 103 4.96 -8.79 -19.61
N LEU A 104 5.42 -7.90 -18.73
CA LEU A 104 4.57 -7.07 -17.91
C LEU A 104 4.40 -5.71 -18.65
N PRO A 105 3.34 -4.95 -18.30
CA PRO A 105 3.03 -3.74 -19.11
C PRO A 105 4.15 -2.70 -19.19
N ASP A 106 4.99 -2.61 -18.16
CA ASP A 106 6.10 -1.65 -18.15
C ASP A 106 7.41 -2.21 -18.72
N GLY A 107 7.35 -3.40 -19.31
CA GLY A 107 8.56 -3.96 -19.93
C GLY A 107 9.37 -4.91 -19.04
N LYS A 108 9.04 -4.98 -17.76
CA LYS A 108 9.57 -6.05 -16.90
C LYS A 108 9.01 -7.39 -17.37
N ILE A 109 9.53 -8.47 -16.82
CA ILE A 109 9.15 -9.80 -17.24
C ILE A 109 8.76 -10.63 -16.03
N LEU A 110 7.63 -11.34 -16.14
CA LEU A 110 7.20 -12.30 -15.14
C LEU A 110 7.57 -13.70 -15.64
N GLY A 111 8.30 -14.44 -14.82
CA GLY A 111 8.65 -15.81 -15.16
C GLY A 111 8.15 -16.83 -14.16
N ILE A 112 7.91 -18.03 -14.66
CA ILE A 112 7.48 -19.17 -13.84
C ILE A 112 8.39 -20.31 -14.17
N ALA A 113 8.82 -21.03 -13.15
CA ALA A 113 9.68 -22.20 -13.30
C ALA A 113 8.96 -23.39 -12.67
N ARG A 114 8.66 -24.41 -13.46
CA ARG A 114 7.91 -25.58 -12.98
C ARG A 114 8.71 -26.85 -13.21
N ASP A 115 8.57 -27.84 -12.33
CA ASP A 115 9.11 -29.21 -12.61
C ASP A 115 8.43 -29.87 -13.82
N GLY B 2 10.50 -0.10 -9.49
CA GLY B 2 10.32 -0.82 -8.19
C GLY B 2 9.39 -2.02 -8.37
N THR B 3 9.57 -3.05 -7.53
CA THR B 3 8.73 -4.28 -7.56
C THR B 3 7.92 -4.56 -6.27
N GLU B 4 7.90 -3.60 -5.35
CA GLU B 4 7.09 -3.69 -4.12
C GLU B 4 5.79 -2.88 -4.18
N ASN B 5 5.74 -1.93 -5.10
CA ASN B 5 4.66 -0.99 -5.12
C ASN B 5 3.34 -1.55 -5.65
N LEU B 6 2.30 -0.80 -5.32
CA LEU B 6 0.92 -1.15 -5.64
C LEU B 6 0.72 -1.45 -7.13
N TYR B 7 1.29 -0.60 -7.99
CA TYR B 7 1.11 -0.72 -9.43
C TYR B 7 1.83 -1.95 -9.98
N PHE B 8 3.08 -2.15 -9.56
CA PHE B 8 3.79 -3.34 -9.95
C PHE B 8 3.05 -4.64 -9.53
N GLN B 9 2.69 -4.71 -8.25
CA GLN B 9 2.15 -5.96 -7.73
C GLN B 9 0.80 -6.27 -8.35
N SER B 10 -0.04 -5.25 -8.55
CA SER B 10 -1.34 -5.48 -9.21
C SER B 10 -1.14 -5.83 -10.68
N ASN B 11 -0.20 -5.16 -11.38
CA ASN B 11 0.18 -5.62 -12.74
C ASN B 11 0.56 -7.10 -12.75
N ALA B 12 1.43 -7.47 -11.81
CA ALA B 12 1.99 -8.83 -11.75
C ALA B 12 0.90 -9.87 -11.44
N TYR B 13 -0.05 -9.49 -10.57
CA TYR B 13 -1.19 -10.38 -10.28
C TYR B 13 -1.97 -10.66 -11.56
N ARG B 14 -2.30 -9.61 -12.32
CA ARG B 14 -3.17 -9.86 -13.49
C ARG B 14 -2.46 -10.75 -14.50
N ALA B 15 -1.14 -10.56 -14.63
CA ALA B 15 -0.34 -11.40 -15.51
C ALA B 15 -0.27 -12.86 -15.02
N LEU B 16 0.03 -13.01 -13.74
CA LEU B 16 0.19 -14.35 -13.17
C LEU B 16 -1.15 -15.11 -13.20
N PHE B 17 -2.23 -14.40 -12.87
CA PHE B 17 -3.58 -14.99 -12.92
C PHE B 17 -3.88 -15.51 -14.33
N GLU B 18 -3.67 -14.65 -15.34
CA GLU B 18 -3.87 -15.05 -16.73
C GLU B 18 -2.98 -16.24 -17.16
N HIS B 19 -1.70 -16.18 -16.79
CA HIS B 19 -0.70 -17.08 -17.40
C HIS B 19 -0.30 -18.31 -16.58
N ALA B 20 -0.76 -18.39 -15.34
CA ALA B 20 -0.37 -19.49 -14.45
C ALA B 20 -0.81 -20.80 -15.10
N ILE B 21 0.03 -21.85 -15.00
CA ILE B 21 -0.40 -23.19 -15.45
C ILE B 21 -1.29 -23.84 -14.37
N ASP B 22 -0.97 -23.56 -13.12
CA ASP B 22 -1.85 -23.97 -12.03
C ASP B 22 -3.17 -23.18 -12.04
N GLY B 23 -4.20 -23.83 -11.55
CA GLY B 23 -5.48 -23.19 -11.35
C GLY B 23 -5.43 -22.17 -10.22
N ILE B 24 -6.11 -21.03 -10.41
CA ILE B 24 -6.20 -20.03 -9.35
C ILE B 24 -7.65 -19.59 -9.27
N PHE B 25 -8.19 -19.54 -8.06
CA PHE B 25 -9.55 -19.10 -7.85
C PHE B 25 -9.59 -18.11 -6.69
N ILE B 26 -10.58 -17.23 -6.74
CA ILE B 26 -10.85 -16.32 -5.62
C ILE B 26 -12.24 -16.62 -5.13
N MSE B 27 -12.44 -16.72 -3.82
CA MSE B 27 -13.82 -16.80 -3.29
C MSE B 27 -14.01 -15.87 -2.12
O MSE B 27 -13.05 -15.41 -1.54
CB MSE B 27 -14.20 -18.23 -2.92
CG MSE B 27 -13.31 -18.88 -1.93
SE MSE B 27 -13.81 -20.77 -1.76
CE MSE B 27 -14.52 -21.16 -3.49
N ASP B 28 -15.26 -15.53 -1.82
CA ASP B 28 -15.52 -14.71 -0.63
C ASP B 28 -15.53 -15.62 0.61
N ALA B 29 -15.66 -15.01 1.78
CA ALA B 29 -15.61 -15.76 3.03
C ALA B 29 -16.77 -16.73 3.17
N GLU B 30 -17.83 -16.54 2.41
CA GLU B 30 -18.99 -17.45 2.45
C GLU B 30 -18.94 -18.58 1.43
N GLY B 31 -17.84 -18.66 0.66
CA GLY B 31 -17.64 -19.74 -0.29
C GLY B 31 -18.16 -19.53 -1.70
N HIS B 32 -18.59 -18.32 -2.00
CA HIS B 32 -19.02 -17.99 -3.35
C HIS B 32 -17.80 -17.70 -4.22
N TYR B 33 -17.68 -18.42 -5.33
CA TYR B 33 -16.58 -18.17 -6.27
C TYR B 33 -16.77 -16.79 -6.91
N LEU B 34 -15.70 -16.00 -6.86
CA LEU B 34 -15.66 -14.60 -7.37
C LEU B 34 -14.84 -14.44 -8.67
N ASP B 35 -13.78 -15.23 -8.80
CA ASP B 35 -13.02 -15.25 -10.05
C ASP B 35 -12.30 -16.58 -10.18
N VAL B 36 -11.95 -16.92 -11.42
CA VAL B 36 -11.27 -18.18 -11.76
C VAL B 36 -10.43 -17.95 -12.99
N ASN B 37 -9.24 -18.53 -12.98
CA ASN B 37 -8.31 -18.23 -14.06
C ASN B 37 -8.49 -19.13 -15.28
N PRO B 38 -7.84 -18.77 -16.39
CA PRO B 38 -8.05 -19.63 -17.56
C PRO B 38 -7.67 -21.11 -17.35
N ALA B 39 -6.61 -21.36 -16.58
CA ALA B 39 -6.14 -22.73 -16.34
C ALA B 39 -7.24 -23.58 -15.72
N ILE B 40 -7.98 -23.04 -14.74
CA ILE B 40 -9.09 -23.80 -14.13
C ILE B 40 -10.21 -24.07 -15.11
N CYS B 41 -10.60 -23.02 -15.83
CA CYS B 41 -11.69 -23.13 -16.79
C CYS B 41 -11.37 -24.21 -17.83
N SER B 42 -10.14 -24.21 -18.34
CA SER B 42 -9.70 -25.20 -19.32
C SER B 42 -9.64 -26.61 -18.72
N ALA B 43 -9.02 -26.74 -17.54
CA ALA B 43 -8.89 -28.04 -16.86
C ALA B 43 -10.22 -28.80 -16.80
N ILE B 44 -11.29 -28.14 -16.38
CA ILE B 44 -12.61 -28.76 -16.27
C ILE B 44 -13.56 -28.40 -17.45
N GLY B 45 -13.08 -27.67 -18.44
CA GLY B 45 -13.92 -27.25 -19.58
C GLY B 45 -15.16 -26.44 -19.22
N TYR B 46 -15.06 -25.61 -18.18
CA TYR B 46 -16.13 -24.69 -17.80
C TYR B 46 -15.77 -23.31 -18.31
N THR B 47 -16.77 -22.48 -18.56
CA THR B 47 -16.53 -21.07 -18.80
C THR B 47 -16.43 -20.39 -17.44
N ARG B 48 -15.82 -19.21 -17.43
CA ARG B 48 -15.74 -18.38 -16.23
C ARG B 48 -17.11 -18.10 -15.61
N ASP B 49 -18.12 -17.80 -16.45
CA ASP B 49 -19.46 -17.49 -15.93
C ASP B 49 -20.14 -18.67 -15.27
N GLU B 50 -19.90 -19.85 -15.81
CA GLU B 50 -20.45 -21.10 -15.27
C GLU B 50 -19.81 -21.46 -13.95
N PHE B 51 -18.49 -21.29 -13.90
CA PHE B 51 -17.77 -21.51 -12.67
C PHE B 51 -18.24 -20.55 -11.58
N LEU B 52 -18.53 -19.30 -11.94
CA LEU B 52 -18.95 -18.30 -10.97
C LEU B 52 -20.39 -18.46 -10.45
N ALA B 53 -21.09 -19.47 -10.93
CA ALA B 53 -22.38 -19.84 -10.33
C ALA B 53 -22.20 -20.90 -9.24
N LEU B 54 -20.97 -21.39 -9.10
CA LEU B 54 -20.67 -22.44 -8.12
C LEU B 54 -20.31 -21.88 -6.75
N ASP B 55 -20.59 -22.69 -5.75
CA ASP B 55 -20.14 -22.48 -4.42
C ASP B 55 -19.20 -23.59 -4.00
N TRP B 56 -18.33 -23.21 -3.07
CA TRP B 56 -17.33 -24.07 -2.48
C TRP B 56 -17.98 -25.36 -2.03
N GLY B 57 -17.42 -26.47 -2.51
CA GLY B 57 -17.87 -27.79 -2.09
C GLY B 57 -18.68 -28.60 -3.12
N VAL B 58 -19.31 -27.91 -4.04
CA VAL B 58 -20.15 -28.57 -5.03
C VAL B 58 -19.32 -29.46 -5.96
N LEU B 59 -18.20 -28.93 -6.48
CA LEU B 59 -17.39 -29.70 -7.42
C LEU B 59 -16.81 -30.93 -6.74
N SER B 60 -16.38 -30.79 -5.48
CA SER B 60 -15.73 -31.92 -4.79
C SER B 60 -16.68 -32.75 -3.91
N ARG B 61 -17.98 -32.54 -4.10
CA ARG B 61 -19.00 -33.30 -3.34
C ARG B 61 -18.75 -33.22 -1.81
N GLY B 62 -18.61 -31.99 -1.34
CA GLY B 62 -18.37 -31.71 0.10
C GLY B 62 -19.50 -31.03 0.80
N VAL B 63 -20.67 -30.96 0.16
CA VAL B 63 -21.80 -30.29 0.78
C VAL B 63 -22.42 -31.20 1.86
N ASP B 64 -22.91 -32.37 1.46
CA ASP B 64 -23.63 -33.26 2.40
C ASP B 64 -22.80 -33.65 3.59
N SER B 65 -21.51 -33.88 3.35
CA SER B 65 -20.62 -34.35 4.42
C SER B 65 -20.32 -33.30 5.46
N GLY B 66 -20.51 -32.03 5.12
CA GLY B 66 -20.09 -30.92 5.97
C GLY B 66 -18.68 -30.44 5.71
N TRP B 67 -17.98 -31.08 4.79
CA TRP B 67 -16.59 -30.73 4.50
C TRP B 67 -16.52 -29.25 4.02
N ALA B 68 -17.44 -28.85 3.15
CA ALA B 68 -17.36 -27.49 2.61
C ALA B 68 -17.44 -26.43 3.71
N ALA B 69 -18.43 -26.59 4.60
CA ALA B 69 -18.64 -25.58 5.63
C ALA B 69 -17.51 -25.63 6.66
N ALA B 70 -17.09 -26.84 7.06
CA ALA B 70 -16.02 -26.98 8.05
C ALA B 70 -14.66 -26.46 7.55
N SER B 71 -14.31 -26.78 6.30
CA SER B 71 -13.07 -26.32 5.72
C SER B 71 -13.04 -24.81 5.54
N LEU B 72 -14.15 -24.26 5.07
CA LEU B 72 -14.28 -22.81 4.91
C LEU B 72 -14.08 -22.13 6.28
N ALA B 73 -14.73 -22.63 7.32
CA ALA B 73 -14.55 -22.11 8.69
C ALA B 73 -13.08 -22.11 9.09
N ARG B 74 -12.35 -23.17 8.77
CA ARG B 74 -10.95 -23.26 9.18
C ARG B 74 -10.12 -22.19 8.46
N ILE B 75 -10.42 -21.98 7.18
CA ILE B 75 -9.67 -21.01 6.40
C ILE B 75 -9.91 -19.60 6.93
N VAL B 76 -11.18 -19.26 7.10
CA VAL B 76 -11.64 -17.97 7.59
C VAL B 76 -11.05 -17.73 8.96
N GLY B 77 -10.86 -18.80 9.73
CA GLY B 77 -10.23 -18.77 11.03
C GLY B 77 -8.72 -18.62 11.09
N GLY B 78 -8.05 -18.59 9.94
CA GLY B 78 -6.63 -18.34 9.84
C GLY B 78 -5.77 -19.57 9.68
N GLU B 79 -6.38 -20.69 9.30
CA GLU B 79 -5.63 -21.91 9.09
C GLU B 79 -5.63 -22.17 7.59
N PRO B 80 -4.48 -22.01 6.91
CA PRO B 80 -4.45 -22.27 5.47
C PRO B 80 -4.82 -23.72 5.18
N LEU B 81 -5.55 -23.93 4.08
CA LEU B 81 -5.92 -25.24 3.63
C LEU B 81 -4.82 -25.74 2.74
N ARG B 82 -4.47 -27.01 2.91
CA ARG B 82 -3.63 -27.72 1.97
C ARG B 82 -4.05 -29.17 2.02
N GLU B 83 -4.84 -29.55 1.04
CA GLU B 83 -5.29 -30.92 0.94
C GLU B 83 -5.78 -31.24 -0.46
N GLU B 84 -5.86 -32.54 -0.74
CA GLU B 84 -6.29 -33.01 -2.03
C GLU B 84 -7.79 -33.17 -2.03
N ARG B 85 -8.39 -32.88 -3.20
CA ARG B 85 -9.79 -33.11 -3.41
C ARG B 85 -10.04 -33.69 -4.79
N THR B 86 -10.92 -34.66 -4.87
CA THR B 86 -11.45 -35.14 -6.16
C THR B 86 -12.60 -34.22 -6.61
N VAL B 87 -12.58 -33.86 -7.89
CA VAL B 87 -13.59 -32.99 -8.50
C VAL B 87 -14.35 -33.83 -9.53
N TRP B 88 -15.68 -33.67 -9.52
CA TRP B 88 -16.58 -34.32 -10.47
C TRP B 88 -17.31 -33.20 -11.19
N THR B 89 -17.02 -33.07 -12.47
CA THR B 89 -17.63 -32.02 -13.27
C THR B 89 -19.01 -32.42 -13.84
N ARG B 90 -19.72 -31.40 -14.34
CA ARG B 90 -21.13 -31.62 -14.72
C ARG B 90 -21.24 -32.50 -15.97
N ASN B 91 -20.14 -32.63 -16.72
CA ASN B 91 -20.13 -33.46 -17.90
C ASN B 91 -19.63 -34.86 -17.64
N GLY B 92 -19.39 -35.22 -16.38
CA GLY B 92 -19.00 -36.58 -16.01
C GLY B 92 -17.51 -36.81 -15.77
N ASP B 93 -16.69 -35.78 -15.94
CA ASP B 93 -15.26 -35.97 -15.74
C ASP B 93 -14.90 -36.01 -14.24
N GLN B 94 -13.77 -36.62 -13.93
CA GLN B 94 -13.25 -36.73 -12.56
C GLN B 94 -11.76 -36.41 -12.59
N LEU B 95 -11.30 -35.54 -11.70
CA LEU B 95 -9.88 -35.31 -11.56
C LEU B 95 -9.56 -35.08 -10.10
N THR B 96 -8.31 -35.34 -9.74
CA THR B 96 -7.84 -35.13 -8.37
C THR B 96 -6.81 -34.00 -8.41
N VAL B 97 -7.05 -33.05 -7.54
CA VAL B 97 -6.19 -31.89 -7.43
C VAL B 97 -5.72 -31.67 -6.01
N GLU B 98 -4.57 -31.02 -5.89
CA GLU B 98 -4.14 -30.56 -4.58
C GLU B 98 -4.54 -29.10 -4.47
N LEU B 99 -5.29 -28.79 -3.42
CA LEU B 99 -5.77 -27.44 -3.20
C LEU B 99 -4.95 -26.76 -2.09
N SER B 100 -4.65 -25.49 -2.29
CA SER B 100 -4.15 -24.62 -1.24
C SER B 100 -5.11 -23.45 -1.18
N ALA B 101 -5.43 -22.99 0.02
CA ALA B 101 -6.29 -21.82 0.14
C ALA B 101 -5.81 -20.97 1.29
N HIS B 102 -5.73 -19.66 1.04
CA HIS B 102 -5.17 -18.71 1.96
C HIS B 102 -6.09 -17.51 2.12
N LEU B 103 -6.37 -17.13 3.36
CA LEU B 103 -7.15 -15.93 3.64
C LEU B 103 -6.34 -14.72 3.26
N LEU B 104 -6.96 -13.82 2.47
CA LEU B 104 -6.37 -12.54 2.09
C LEU B 104 -6.79 -11.41 3.04
N PRO B 105 -6.03 -10.31 3.05
CA PRO B 105 -6.34 -9.20 3.96
C PRO B 105 -7.72 -8.60 3.92
N ASP B 106 -8.38 -8.61 2.78
CA ASP B 106 -9.74 -8.03 2.66
C ASP B 106 -10.84 -9.07 2.90
N GLY B 107 -10.48 -10.20 3.51
CA GLY B 107 -11.47 -11.19 3.87
C GLY B 107 -11.76 -12.24 2.81
N LYS B 108 -11.37 -11.98 1.57
CA LYS B 108 -11.47 -12.96 0.51
C LYS B 108 -10.41 -14.06 0.66
N ILE B 109 -10.59 -15.11 -0.13
CA ILE B 109 -9.75 -16.28 -0.08
C ILE B 109 -9.16 -16.56 -1.46
N LEU B 110 -7.82 -16.73 -1.50
CA LEU B 110 -7.08 -17.14 -2.69
C LEU B 110 -6.91 -18.65 -2.67
N GLY B 111 -7.35 -19.31 -3.72
CA GLY B 111 -7.08 -20.74 -3.85
C GLY B 111 -6.18 -21.05 -5.03
N ILE B 112 -5.39 -22.09 -4.88
CA ILE B 112 -4.57 -22.62 -5.98
C ILE B 112 -4.90 -24.11 -6.10
N ALA B 113 -5.07 -24.61 -7.32
CA ALA B 113 -5.37 -26.04 -7.58
C ALA B 113 -4.28 -26.56 -8.50
N ARG B 114 -3.63 -27.66 -8.11
CA ARG B 114 -2.56 -28.28 -8.88
C ARG B 114 -2.91 -29.73 -9.20
N ASP B 115 -2.46 -30.22 -10.35
CA ASP B 115 -2.53 -31.68 -10.59
C ASP B 115 -1.71 -32.51 -9.61
N VAL B 116 -2.20 -33.74 -9.32
CA VAL B 116 -1.61 -34.61 -8.28
C VAL B 116 -2.00 -36.08 -8.40
N LEU C 1 6.56 22.19 31.19
CA LEU C 1 6.57 20.78 30.65
C LEU C 1 7.27 20.69 29.27
N GLY C 2 7.67 19.48 28.91
CA GLY C 2 8.30 19.23 27.60
C GLY C 2 7.28 19.04 26.48
N THR C 3 7.74 18.75 25.27
CA THR C 3 6.82 18.50 24.17
C THR C 3 6.18 17.11 24.24
N GLU C 4 6.54 16.30 25.24
CA GLU C 4 5.87 14.99 25.36
C GLU C 4 4.53 15.11 26.10
N ASN C 5 4.27 16.25 26.69
CA ASN C 5 3.20 16.32 27.66
C ASN C 5 1.81 16.29 26.97
N LEU C 6 0.87 15.72 27.68
CA LEU C 6 -0.51 15.56 27.21
C LEU C 6 -1.24 16.86 26.84
N TYR C 7 -0.96 17.94 27.57
CA TYR C 7 -1.66 19.22 27.37
C TYR C 7 -1.14 19.77 26.05
N PHE C 8 0.17 19.87 25.93
CA PHE C 8 0.77 20.35 24.72
C PHE C 8 0.29 19.55 23.48
N GLN C 9 0.41 18.23 23.55
CA GLN C 9 0.12 17.40 22.39
C GLN C 9 -1.35 17.50 21.96
N SER C 10 -2.25 17.41 22.93
CA SER C 10 -3.67 17.55 22.62
C SER C 10 -3.98 18.97 22.08
N ASN C 11 -3.39 20.02 22.67
CA ASN C 11 -3.57 21.38 22.13
C ASN C 11 -3.08 21.50 20.68
N ALA C 12 -1.91 20.92 20.43
CA ALA C 12 -1.28 21.00 19.12
C ALA C 12 -2.12 20.29 18.07
N TYR C 13 -2.67 19.13 18.43
CA TYR C 13 -3.54 18.43 17.51
C TYR C 13 -4.73 19.31 17.12
N ARG C 14 -5.39 19.88 18.12
CA ARG C 14 -6.59 20.65 17.84
C ARG C 14 -6.26 21.88 16.99
N ALA C 15 -5.12 22.50 17.24
CA ALA C 15 -4.70 23.69 16.46
C ALA C 15 -4.35 23.27 15.02
N LEU C 16 -3.62 22.16 14.87
CA LEU C 16 -3.31 21.67 13.55
C LEU C 16 -4.58 21.34 12.77
N PHE C 17 -5.50 20.62 13.44
CA PHE C 17 -6.73 20.17 12.81
C PHE C 17 -7.55 21.39 12.33
N GLU C 18 -7.69 22.38 13.20
CA GLU C 18 -8.50 23.58 12.90
C GLU C 18 -7.89 24.38 11.77
N HIS C 19 -6.59 24.60 11.85
CA HIS C 19 -5.92 25.63 11.04
C HIS C 19 -5.34 25.11 9.73
N ALA C 20 -5.23 23.79 9.57
CA ALA C 20 -4.62 23.24 8.36
C ALA C 20 -5.37 23.66 7.10
N ILE C 21 -4.62 23.91 6.04
CA ILE C 21 -5.18 24.18 4.73
C ILE C 21 -5.57 22.90 4.02
N ASP C 22 -4.77 21.84 4.24
CA ASP C 22 -5.08 20.49 3.78
C ASP C 22 -6.28 19.94 4.59
N GLY C 23 -7.03 19.03 3.97
CA GLY C 23 -8.09 18.33 4.68
C GLY C 23 -7.47 17.30 5.64
N ILE C 24 -8.09 17.14 6.80
CA ILE C 24 -7.66 16.15 7.79
C ILE C 24 -8.92 15.48 8.26
N PHE C 25 -8.88 14.17 8.37
CA PHE C 25 -10.04 13.44 8.86
C PHE C 25 -9.62 12.27 9.74
N ILE C 26 -10.56 11.80 10.55
CA ILE C 26 -10.39 10.62 11.40
C ILE C 26 -11.51 9.70 10.99
N MSE C 27 -11.18 8.43 10.79
CA MSE C 27 -12.20 7.42 10.61
C MSE C 27 -11.94 6.24 11.54
O MSE C 27 -10.84 6.06 12.10
CB MSE C 27 -12.37 7.04 9.16
CG MSE C 27 -11.24 6.39 8.45
SE MSE C 27 -11.63 6.38 6.51
CE MSE C 27 -9.75 5.86 6.05
N ASP C 28 -12.98 5.48 11.79
CA ASP C 28 -12.82 4.30 12.63
C ASP C 28 -12.30 3.18 11.79
N ALA C 29 -12.00 2.06 12.44
CA ALA C 29 -11.36 0.95 11.72
C ALA C 29 -12.29 0.37 10.64
N GLU C 30 -13.60 0.61 10.77
CA GLU C 30 -14.54 0.17 9.75
C GLU C 30 -14.80 1.16 8.61
N GLY C 31 -14.10 2.30 8.62
CA GLY C 31 -14.23 3.24 7.54
C GLY C 31 -15.35 4.28 7.70
N HIS C 32 -15.91 4.37 8.90
CA HIS C 32 -16.88 5.40 9.20
C HIS C 32 -16.12 6.69 9.55
N TYR C 33 -16.41 7.79 8.85
CA TYR C 33 -15.81 9.07 9.22
C TYR C 33 -16.28 9.47 10.62
N LEU C 34 -15.33 9.82 11.47
CA LEU C 34 -15.58 10.26 12.86
C LEU C 34 -15.37 11.74 13.11
N ASP C 35 -14.42 12.34 12.39
CA ASP C 35 -14.14 13.75 12.47
C ASP C 35 -13.56 14.25 11.15
N VAL C 36 -13.87 15.50 10.84
CA VAL C 36 -13.41 16.14 9.61
C VAL C 36 -13.14 17.61 9.92
N ASN C 37 -12.06 18.16 9.37
CA ASN C 37 -11.67 19.50 9.75
C ASN C 37 -12.32 20.53 8.81
N PRO C 38 -12.25 21.81 9.18
CA PRO C 38 -12.91 22.81 8.33
C PRO C 38 -12.53 22.75 6.86
N ALA C 39 -11.22 22.59 6.57
CA ALA C 39 -10.73 22.60 5.21
C ALA C 39 -11.41 21.55 4.35
N ILE C 40 -11.53 20.33 4.87
CA ILE C 40 -12.08 19.25 4.07
C ILE C 40 -13.57 19.44 3.88
N CYS C 41 -14.25 20.00 4.89
CA CYS C 41 -15.67 20.26 4.77
C CYS C 41 -15.94 21.30 3.69
N SER C 42 -15.13 22.35 3.67
CA SER C 42 -15.35 23.44 2.71
C SER C 42 -14.91 23.04 1.30
N ALA C 43 -13.86 22.23 1.15
CA ALA C 43 -13.44 21.69 -0.16
C ALA C 43 -14.43 20.73 -0.82
N ILE C 44 -14.91 19.76 -0.05
CA ILE C 44 -15.74 18.70 -0.60
C ILE C 44 -17.24 19.10 -0.59
N GLY C 45 -17.60 20.06 0.25
CA GLY C 45 -18.95 20.61 0.23
C GLY C 45 -19.96 19.98 1.18
N TYR C 46 -19.49 19.14 2.08
CA TYR C 46 -20.30 18.50 3.09
C TYR C 46 -20.01 19.13 4.45
N THR C 47 -21.05 19.37 5.25
CA THR C 47 -20.87 19.78 6.62
C THR C 47 -20.30 18.60 7.41
N ARG C 48 -19.77 18.90 8.59
CA ARG C 48 -19.22 17.89 9.49
C ARG C 48 -20.30 16.86 9.75
N ASP C 49 -21.52 17.30 10.07
CA ASP C 49 -22.58 16.32 10.32
C ASP C 49 -22.91 15.44 9.13
N GLU C 50 -22.89 16.01 7.91
CA GLU C 50 -23.11 15.24 6.71
C GLU C 50 -21.98 14.22 6.55
N PHE C 51 -20.76 14.67 6.80
CA PHE C 51 -19.56 13.81 6.66
C PHE C 51 -19.59 12.63 7.62
N LEU C 52 -20.04 12.85 8.85
CA LEU C 52 -20.09 11.80 9.88
C LEU C 52 -21.14 10.72 9.63
N ALA C 53 -21.95 10.89 8.56
CA ALA C 53 -22.86 9.86 8.10
C ALA C 53 -22.32 9.13 6.88
N LEU C 54 -21.10 9.47 6.45
CA LEU C 54 -20.51 8.89 5.25
C LEU C 54 -19.49 7.80 5.60
N ASP C 55 -19.35 6.88 4.65
CA ASP C 55 -18.37 5.80 4.72
C ASP C 55 -17.29 5.99 3.66
N TRP C 56 -16.07 5.61 4.05
CA TRP C 56 -14.96 5.51 3.14
C TRP C 56 -15.39 4.84 1.86
N GLY C 57 -15.11 5.49 0.75
CA GLY C 57 -15.39 4.93 -0.56
C GLY C 57 -16.55 5.63 -1.27
N VAL C 58 -17.42 6.29 -0.52
CA VAL C 58 -18.59 6.93 -1.13
C VAL C 58 -18.16 8.14 -1.96
N LEU C 59 -17.38 9.03 -1.36
CA LEU C 59 -16.88 10.26 -1.99
C LEU C 59 -16.10 9.98 -3.28
N SER C 60 -15.31 8.92 -3.27
CA SER C 60 -14.47 8.62 -4.43
C SER C 60 -15.03 7.46 -5.25
N ARG C 61 -16.27 7.08 -4.99
CA ARG C 61 -16.95 6.05 -5.78
C ARG C 61 -16.08 4.80 -5.89
N GLY C 62 -15.54 4.37 -4.74
CA GLY C 62 -14.71 3.15 -4.66
C GLY C 62 -15.35 2.03 -3.88
N VAL C 63 -16.66 2.09 -3.69
CA VAL C 63 -17.35 1.00 -3.01
C VAL C 63 -17.49 -0.25 -3.89
N ASP C 64 -18.07 -0.12 -5.08
CA ASP C 64 -18.43 -1.28 -5.93
C ASP C 64 -17.19 -2.07 -6.39
N SER C 65 -16.08 -1.34 -6.64
CA SER C 65 -14.83 -1.94 -7.10
C SER C 65 -14.14 -2.81 -6.05
N GLY C 66 -14.56 -2.65 -4.80
CA GLY C 66 -13.84 -3.20 -3.65
C GLY C 66 -12.66 -2.34 -3.18
N TRP C 67 -12.39 -1.25 -3.87
CA TRP C 67 -11.32 -0.31 -3.45
C TRP C 67 -11.44 0.07 -1.97
N ALA C 68 -12.64 0.45 -1.56
CA ALA C 68 -12.85 0.90 -0.19
C ALA C 68 -12.49 -0.18 0.84
N ALA C 69 -13.04 -1.37 0.67
CA ALA C 69 -12.79 -2.51 1.58
C ALA C 69 -11.30 -2.89 1.62
N ALA C 70 -10.68 -2.99 0.45
CA ALA C 70 -9.29 -3.47 0.36
C ALA C 70 -8.29 -2.40 0.82
N SER C 71 -8.51 -1.15 0.42
CA SER C 71 -7.64 -0.07 0.92
C SER C 71 -7.74 0.04 2.45
N LEU C 72 -8.96 -0.03 2.96
CA LEU C 72 -9.15 0.01 4.42
C LEU C 72 -8.34 -1.12 5.10
N ALA C 73 -8.49 -2.35 4.60
CA ALA C 73 -7.78 -3.50 5.16
C ALA C 73 -6.26 -3.33 5.09
N ARG C 74 -5.76 -2.71 4.01
CA ARG C 74 -4.33 -2.37 3.94
C ARG C 74 -3.88 -1.41 5.05
N ILE C 75 -4.66 -0.35 5.25
CA ILE C 75 -4.36 0.63 6.28
C ILE C 75 -4.42 0.01 7.67
N VAL C 76 -5.50 -0.73 7.97
CA VAL C 76 -5.64 -1.32 9.31
C VAL C 76 -4.60 -2.42 9.55
N GLY C 77 -4.11 -3.04 8.47
CA GLY C 77 -2.99 -3.97 8.55
C GLY C 77 -1.65 -3.34 8.86
N GLY C 78 -1.57 -2.00 8.82
CA GLY C 78 -0.39 -1.27 9.24
C GLY C 78 0.47 -0.72 8.14
N GLU C 79 -0.03 -0.67 6.91
CA GLU C 79 0.70 -0.02 5.81
C GLU C 79 0.03 1.32 5.48
N PRO C 80 0.81 2.37 5.26
CA PRO C 80 0.19 3.67 4.96
C PRO C 80 -0.46 3.66 3.58
N LEU C 81 -1.48 4.48 3.38
CA LEU C 81 -2.04 4.70 2.06
C LEU C 81 -1.54 6.02 1.52
N ARG C 82 -1.22 6.04 0.23
CA ARG C 82 -0.92 7.29 -0.48
C ARG C 82 -1.38 7.07 -1.92
N GLU C 83 -2.41 7.81 -2.30
CA GLU C 83 -3.03 7.62 -3.60
C GLU C 83 -3.74 8.90 -4.03
N GLU C 84 -3.60 9.23 -5.30
CA GLU C 84 -4.34 10.32 -5.91
C GLU C 84 -5.65 9.77 -6.46
N ARG C 85 -6.77 10.33 -6.03
CA ARG C 85 -8.08 9.81 -6.40
C ARG C 85 -9.02 10.92 -6.75
N THR C 86 -9.92 10.63 -7.69
CA THR C 86 -10.99 11.56 -8.03
C THR C 86 -12.04 11.47 -6.94
N VAL C 87 -12.41 12.63 -6.43
CA VAL C 87 -13.46 12.76 -5.45
C VAL C 87 -14.56 13.65 -6.01
N TRP C 88 -15.81 13.32 -5.71
CA TRP C 88 -16.94 14.16 -6.13
C TRP C 88 -17.42 14.99 -4.94
N THR C 89 -17.64 16.29 -5.18
CA THR C 89 -18.17 17.16 -4.14
C THR C 89 -19.68 16.90 -3.99
N ARG C 90 -20.29 17.50 -2.97
CA ARG C 90 -21.74 17.34 -2.73
C ARG C 90 -22.57 17.75 -3.95
N ASN C 91 -22.13 18.81 -4.63
CA ASN C 91 -22.81 19.32 -5.83
C ASN C 91 -22.48 18.53 -7.10
N GLY C 92 -21.49 17.65 -7.03
CA GLY C 92 -21.18 16.76 -8.14
C GLY C 92 -20.00 17.17 -9.01
N ASP C 93 -19.26 18.18 -8.58
CA ASP C 93 -18.02 18.53 -9.26
C ASP C 93 -16.93 17.57 -8.84
N GLN C 94 -15.90 17.44 -9.67
CA GLN C 94 -14.86 16.49 -9.37
C GLN C 94 -13.53 17.16 -9.06
N LEU C 95 -12.88 16.65 -8.01
CA LEU C 95 -11.57 17.11 -7.60
C LEU C 95 -10.59 15.94 -7.72
N THR C 96 -9.32 16.25 -7.96
CA THR C 96 -8.26 15.27 -7.80
C THR C 96 -7.63 15.53 -6.43
N VAL C 97 -7.59 14.49 -5.59
CA VAL C 97 -7.17 14.65 -4.20
C VAL C 97 -6.03 13.67 -3.96
N GLU C 98 -4.91 14.14 -3.43
CA GLU C 98 -3.93 13.22 -2.92
C GLU C 98 -4.36 12.80 -1.50
N LEU C 99 -4.72 11.53 -1.37
CA LEU C 99 -5.15 10.97 -0.09
C LEU C 99 -3.98 10.25 0.56
N SER C 100 -3.81 10.48 1.83
CA SER C 100 -2.94 9.63 2.62
C SER C 100 -3.66 9.23 3.90
N ALA C 101 -3.35 8.04 4.38
CA ALA C 101 -4.00 7.52 5.56
C ALA C 101 -3.01 6.64 6.36
N HIS C 102 -3.14 6.75 7.66
CA HIS C 102 -2.24 6.13 8.61
C HIS C 102 -3.00 5.60 9.80
N LEU C 103 -2.70 4.35 10.14
CA LEU C 103 -3.30 3.72 11.31
C LEU C 103 -2.87 4.43 12.59
N LEU C 104 -3.81 4.67 13.49
CA LEU C 104 -3.57 5.23 14.82
C LEU C 104 -3.51 4.07 15.84
N PRO C 105 -2.85 4.30 16.99
CA PRO C 105 -2.51 3.16 17.85
C PRO C 105 -3.72 2.38 18.34
N ASP C 106 -4.86 3.05 18.44
CA ASP C 106 -6.10 2.40 18.90
C ASP C 106 -6.93 1.80 17.78
N GLY C 107 -6.37 1.72 16.56
CA GLY C 107 -7.10 1.14 15.43
C GLY C 107 -7.91 2.11 14.57
N LYS C 108 -8.14 3.34 15.05
CA LYS C 108 -8.71 4.41 14.23
C LYS C 108 -7.66 4.81 13.18
N ILE C 109 -8.08 5.68 12.26
CA ILE C 109 -7.24 6.04 11.10
C ILE C 109 -7.20 7.54 10.94
N LEU C 110 -5.98 8.07 10.74
CA LEU C 110 -5.78 9.53 10.46
C LEU C 110 -5.62 9.66 8.96
N GLY C 111 -6.37 10.57 8.35
CA GLY C 111 -6.23 10.82 6.93
C GLY C 111 -5.97 12.27 6.63
N ILE C 112 -5.28 12.47 5.50
CA ILE C 112 -4.96 13.80 4.99
C ILE C 112 -5.39 13.84 3.56
N ALA C 113 -6.03 14.92 3.14
CA ALA C 113 -6.51 15.06 1.77
C ALA C 113 -6.00 16.38 1.22
N ARG C 114 -5.16 16.31 0.19
CA ARG C 114 -4.58 17.50 -0.44
C ARG C 114 -5.18 17.66 -1.84
N ASP C 115 -5.84 18.78 -2.11
CA ASP C 115 -6.44 19.05 -3.43
C ASP C 115 -5.34 19.38 -4.43
N VAL C 116 -5.17 18.53 -5.46
CA VAL C 116 -4.11 18.70 -6.48
C VAL C 116 -4.60 18.71 -7.95
N GLY D 2 -13.45 7.63 22.09
CA GLY D 2 -13.99 8.68 21.22
C GLY D 2 -12.90 9.66 20.79
N THR D 3 -13.24 10.57 19.89
CA THR D 3 -12.24 11.47 19.30
C THR D 3 -12.05 12.77 20.08
N GLU D 4 -12.79 12.97 21.16
CA GLU D 4 -12.64 14.22 21.87
C GLU D 4 -11.82 14.06 23.15
N ASN D 5 -11.39 12.86 23.49
CA ASN D 5 -10.60 12.79 24.71
C ASN D 5 -9.12 13.10 24.50
N LEU D 6 -8.50 13.47 25.61
CA LEU D 6 -7.11 13.98 25.62
C LEU D 6 -6.12 12.98 25.06
N TYR D 7 -6.28 11.71 25.39
CA TYR D 7 -5.33 10.70 24.93
C TYR D 7 -5.43 10.49 23.44
N PHE D 8 -6.66 10.38 22.93
CA PHE D 8 -6.87 10.31 21.49
C PHE D 8 -6.16 11.49 20.78
N GLN D 9 -6.41 12.70 21.28
CA GLN D 9 -5.88 13.91 20.64
C GLN D 9 -4.33 13.91 20.67
N SER D 10 -3.75 13.46 21.77
CA SER D 10 -2.30 13.35 21.82
C SER D 10 -1.78 12.29 20.83
N ASN D 11 -2.44 11.11 20.77
CA ASN D 11 -2.04 10.09 19.79
C ASN D 11 -2.06 10.69 18.39
N ALA D 12 -3.14 11.39 18.10
CA ALA D 12 -3.39 11.97 16.76
C ALA D 12 -2.33 13.02 16.42
N TYR D 13 -1.95 13.81 17.43
CA TYR D 13 -0.87 14.79 17.24
C TYR D 13 0.40 14.10 16.76
N ARG D 14 0.80 13.06 17.49
CA ARG D 14 2.06 12.42 17.15
C ARG D 14 2.01 11.83 15.75
N ALA D 15 0.87 11.29 15.33
CA ALA D 15 0.75 10.71 14.00
C ALA D 15 0.76 11.81 12.96
N LEU D 16 0.01 12.90 13.19
CA LEU D 16 -0.04 13.99 12.23
C LEU D 16 1.35 14.67 12.09
N PHE D 17 2.03 14.85 13.21
CA PHE D 17 3.37 15.43 13.21
C PHE D 17 4.28 14.57 12.34
N GLU D 18 4.29 13.26 12.60
CA GLU D 18 5.15 12.37 11.83
C GLU D 18 4.80 12.38 10.34
N HIS D 19 3.50 12.33 10.02
CA HIS D 19 3.05 11.97 8.67
C HIS D 19 2.65 13.16 7.77
N ALA D 20 2.55 14.35 8.37
CA ALA D 20 2.16 15.53 7.61
C ALA D 20 3.09 15.76 6.41
N ILE D 21 2.50 16.19 5.30
CA ILE D 21 3.28 16.59 4.14
C ILE D 21 3.87 18.00 4.40
N ASP D 22 3.08 18.88 5.02
CA ASP D 22 3.63 20.18 5.45
C ASP D 22 4.62 20.07 6.59
N GLY D 23 5.50 21.06 6.67
CA GLY D 23 6.44 21.20 7.74
C GLY D 23 5.69 21.63 9.00
N ILE D 24 6.10 21.05 10.13
CA ILE D 24 5.56 21.44 11.43
C ILE D 24 6.74 21.61 12.36
N PHE D 25 6.73 22.73 13.07
CA PHE D 25 7.76 23.02 14.06
C PHE D 25 7.12 23.54 15.34
N ILE D 26 7.80 23.26 16.42
CA ILE D 26 7.41 23.73 17.73
C ILE D 26 8.53 24.56 18.31
N MSE D 27 8.19 25.72 18.85
CA MSE D 27 9.18 26.54 19.52
C MSE D 27 8.64 27.07 20.83
O MSE D 27 7.43 27.06 21.06
CB MSE D 27 9.67 27.69 18.59
CG MSE D 27 8.65 28.68 18.14
SE MSE D 27 9.61 29.80 16.77
CE MSE D 27 10.40 28.44 15.74
N ASP D 28 9.55 27.44 21.72
CA ASP D 28 9.16 28.11 22.95
C ASP D 28 8.96 29.58 22.66
N ALA D 29 8.51 30.31 23.68
CA ALA D 29 8.13 31.70 23.52
C ALA D 29 9.37 32.59 23.29
N GLU D 30 10.55 32.05 23.59
CA GLU D 30 11.81 32.75 23.36
C GLU D 30 12.40 32.48 21.95
N GLY D 31 11.72 31.63 21.18
CA GLY D 31 12.12 31.37 19.78
C GLY D 31 13.13 30.24 19.60
N HIS D 32 13.34 29.47 20.67
CA HIS D 32 14.14 28.26 20.56
C HIS D 32 13.30 27.14 19.94
N TYR D 33 13.78 26.56 18.83
CA TYR D 33 13.13 25.41 18.24
C TYR D 33 13.17 24.23 19.22
N LEU D 34 12.01 23.65 19.48
CA LEU D 34 11.86 22.48 20.39
C LEU D 34 11.62 21.14 19.71
N ASP D 35 10.96 21.19 18.57
CA ASP D 35 10.74 20.00 17.74
C ASP D 35 10.46 20.42 16.31
N VAL D 36 10.76 19.49 15.40
CA VAL D 36 10.54 19.67 13.98
C VAL D 36 10.22 18.33 13.36
N ASN D 37 9.34 18.31 12.38
CA ASN D 37 8.84 17.05 11.87
C ASN D 37 9.67 16.54 10.70
N PRO D 38 9.43 15.29 10.30
CA PRO D 38 10.25 14.77 9.21
C PRO D 38 10.17 15.63 7.93
N ALA D 39 9.00 16.16 7.59
CA ALA D 39 8.84 17.00 6.38
C ALA D 39 9.82 18.17 6.40
N ILE D 40 9.93 18.86 7.52
CA ILE D 40 10.83 20.03 7.60
C ILE D 40 12.31 19.62 7.52
N CYS D 41 12.67 18.57 8.25
CA CYS D 41 14.05 18.09 8.24
C CYS D 41 14.47 17.73 6.82
N SER D 42 13.62 16.98 6.12
CA SER D 42 13.88 16.61 4.71
C SER D 42 14.00 17.82 3.79
N ALA D 43 13.08 18.77 3.92
CA ALA D 43 13.02 19.95 3.05
C ALA D 43 14.28 20.82 3.16
N ILE D 44 14.74 21.09 4.39
CA ILE D 44 15.82 22.10 4.59
C ILE D 44 17.20 21.47 4.79
N GLY D 45 17.26 20.14 4.84
CA GLY D 45 18.55 19.46 4.90
C GLY D 45 19.26 19.50 6.24
N TYR D 46 18.49 19.61 7.32
CA TYR D 46 19.00 19.48 8.69
C TYR D 46 18.40 18.22 9.32
N THR D 47 19.14 17.59 10.22
CA THR D 47 18.56 16.58 11.11
C THR D 47 17.76 17.27 12.22
N ARG D 48 16.91 16.53 12.90
CA ARG D 48 16.16 17.08 14.02
C ARG D 48 17.09 17.71 15.07
N ASP D 49 18.18 17.02 15.42
CA ASP D 49 19.12 17.56 16.41
C ASP D 49 19.78 18.87 15.98
N GLU D 50 20.16 18.95 14.71
CA GLU D 50 20.78 20.17 14.19
C GLU D 50 19.79 21.33 14.25
N PHE D 51 18.54 21.00 13.97
CA PHE D 51 17.46 21.99 13.95
C PHE D 51 17.22 22.50 15.36
N LEU D 52 17.37 21.62 16.33
CA LEU D 52 17.13 21.97 17.71
C LEU D 52 18.21 22.90 18.30
N ALA D 53 19.27 23.16 17.53
CA ALA D 53 20.28 24.14 17.91
C ALA D 53 19.97 25.54 17.35
N LEU D 54 18.95 25.63 16.49
CA LEU D 54 18.58 26.88 15.83
C LEU D 54 17.59 27.70 16.63
N ASP D 55 17.64 29.00 16.40
CA ASP D 55 16.64 29.92 16.89
C ASP D 55 15.88 30.53 15.72
N TRP D 56 14.64 30.89 16.02
CA TRP D 56 13.78 31.63 15.15
C TRP D 56 14.51 32.78 14.49
N GLY D 57 14.45 32.82 13.17
CA GLY D 57 15.03 33.92 12.42
C GLY D 57 16.25 33.53 11.63
N VAL D 58 16.98 32.51 12.10
CA VAL D 58 18.25 32.19 11.50
C VAL D 58 18.06 31.68 10.05
N LEU D 59 17.13 30.74 9.86
CA LEU D 59 16.89 30.11 8.53
C LEU D 59 16.43 31.10 7.48
N SER D 60 15.60 32.08 7.88
CA SER D 60 15.06 33.06 6.95
C SER D 60 15.81 34.41 6.97
N ARG D 61 17.00 34.44 7.57
CA ARG D 61 17.83 35.66 7.67
C ARG D 61 17.02 36.84 8.17
N GLY D 62 16.40 36.63 9.31
CA GLY D 62 15.53 37.65 9.88
C GLY D 62 16.02 38.13 11.22
N VAL D 63 17.27 37.82 11.55
CA VAL D 63 17.80 38.24 12.84
C VAL D 63 18.23 39.72 12.74
N ASP D 64 19.07 40.03 11.76
CA ASP D 64 19.58 41.42 11.60
C ASP D 64 18.51 42.44 11.34
N SER D 65 17.57 42.11 10.47
CA SER D 65 16.53 43.04 10.11
C SER D 65 15.66 43.37 11.31
N GLY D 66 15.72 42.55 12.37
CA GLY D 66 14.79 42.65 13.48
C GLY D 66 13.48 41.87 13.27
N TRP D 67 13.31 41.25 12.11
CA TRP D 67 12.10 40.48 11.85
C TRP D 67 11.84 39.38 12.89
N ALA D 68 12.87 38.67 13.28
CA ALA D 68 12.68 37.53 14.20
C ALA D 68 12.11 38.02 15.52
N ALA D 69 12.74 39.04 16.10
CA ALA D 69 12.24 39.62 17.39
C ALA D 69 10.83 40.16 17.25
N ALA D 70 10.58 40.93 16.20
CA ALA D 70 9.30 41.61 16.00
C ALA D 70 8.19 40.58 15.83
N SER D 71 8.44 39.59 14.96
CA SER D 71 7.41 38.58 14.70
C SER D 71 7.11 37.70 15.92
N LEU D 72 8.15 37.31 16.63
CA LEU D 72 8.01 36.52 17.85
C LEU D 72 7.14 37.27 18.84
N ALA D 73 7.46 38.54 19.03
CA ALA D 73 6.70 39.41 19.96
C ALA D 73 5.22 39.42 19.61
N ARG D 74 4.90 39.54 18.32
CA ARG D 74 3.51 39.52 17.85
C ARG D 74 2.82 38.19 18.18
N ILE D 75 3.49 37.09 17.88
CA ILE D 75 2.92 35.76 18.16
C ILE D 75 2.64 35.60 19.66
N VAL D 76 3.63 35.92 20.47
CA VAL D 76 3.55 35.76 21.95
C VAL D 76 2.45 36.66 22.51
N GLY D 77 2.29 37.84 21.91
CA GLY D 77 1.21 38.77 22.24
C GLY D 77 -0.19 38.39 21.76
N GLY D 78 -0.30 37.30 21.00
CA GLY D 78 -1.60 36.75 20.63
C GLY D 78 -2.07 37.06 19.21
N GLU D 79 -1.13 37.46 18.35
CA GLU D 79 -1.44 37.74 16.96
C GLU D 79 -0.81 36.64 16.10
N PRO D 80 -1.61 35.70 15.56
CA PRO D 80 -1.04 34.63 14.76
C PRO D 80 -0.27 35.14 13.55
N LEU D 81 0.81 34.46 13.24
CA LEU D 81 1.64 34.80 12.10
C LEU D 81 1.07 34.10 10.89
N ARG D 82 0.98 34.83 9.78
CA ARG D 82 0.71 34.18 8.51
C ARG D 82 1.38 35.00 7.44
N GLU D 83 2.43 34.44 6.87
CA GLU D 83 3.41 35.20 6.12
C GLU D 83 4.30 34.26 5.33
N GLU D 84 4.69 34.67 4.10
CA GLU D 84 5.71 33.94 3.38
C GLU D 84 7.10 34.30 3.79
N ARG D 85 8.01 33.35 3.79
CA ARG D 85 9.43 33.62 4.10
C ARG D 85 10.27 32.79 3.15
N THR D 86 11.35 33.38 2.66
CA THR D 86 12.40 32.64 2.01
C THR D 86 13.35 32.08 3.07
N VAL D 87 13.60 30.78 2.97
CA VAL D 87 14.52 30.10 3.86
C VAL D 87 15.71 29.61 3.05
N TRP D 88 16.87 29.55 3.66
CA TRP D 88 18.06 29.03 2.98
C TRP D 88 18.40 27.65 3.59
N THR D 89 18.54 26.63 2.74
CA THR D 89 18.78 25.24 3.19
C THR D 89 20.26 25.04 3.55
N ARG D 90 20.53 23.91 4.16
CA ARG D 90 21.90 23.57 4.57
C ARG D 90 22.92 23.80 3.44
N ASN D 91 22.54 23.44 2.23
CA ASN D 91 23.45 23.49 1.08
C ASN D 91 23.41 24.82 0.35
N GLY D 92 22.64 25.78 0.88
CA GLY D 92 22.61 27.13 0.35
C GLY D 92 21.50 27.38 -0.66
N ASP D 93 20.63 26.39 -0.88
CA ASP D 93 19.52 26.62 -1.78
C ASP D 93 18.46 27.45 -1.06
N GLN D 94 17.65 28.15 -1.83
CA GLN D 94 16.47 28.85 -1.31
C GLN D 94 15.20 28.00 -1.46
N LEU D 95 14.31 28.06 -0.46
CA LEU D 95 12.92 27.65 -0.58
C LEU D 95 12.07 28.86 -0.14
N THR D 96 10.93 29.10 -0.75
CA THR D 96 9.96 30.05 -0.22
C THR D 96 8.77 29.25 0.26
N VAL D 97 8.38 29.53 1.50
CA VAL D 97 7.32 28.80 2.14
C VAL D 97 6.33 29.78 2.73
N GLU D 98 5.11 29.34 2.96
CA GLU D 98 4.19 30.13 3.73
C GLU D 98 4.22 29.57 5.15
N LEU D 99 4.51 30.46 6.09
CA LEU D 99 4.54 30.13 7.50
C LEU D 99 3.25 30.57 8.18
N SER D 100 2.77 29.73 9.07
CA SER D 100 1.72 30.11 10.00
C SER D 100 2.26 29.78 11.39
N ALA D 101 1.98 30.60 12.39
CA ALA D 101 2.44 30.27 13.76
C ALA D 101 1.39 30.76 14.74
N HIS D 102 1.10 29.91 15.73
CA HIS D 102 0.02 30.14 16.70
C HIS D 102 0.58 29.85 18.10
N LEU D 103 0.31 30.75 19.05
CA LEU D 103 0.60 30.50 20.45
C LEU D 103 -0.46 29.55 20.98
N LEU D 104 0.00 28.48 21.61
CA LEU D 104 -0.91 27.46 22.13
C LEU D 104 -1.26 27.79 23.58
N PRO D 105 -2.38 27.23 24.07
CA PRO D 105 -2.76 27.50 25.46
C PRO D 105 -1.69 27.11 26.48
N ASP D 106 -0.89 26.11 26.15
CA ASP D 106 0.10 25.58 27.09
C ASP D 106 1.35 26.48 27.07
N GLY D 107 1.45 27.39 26.10
CA GLY D 107 2.55 28.37 26.06
C GLY D 107 3.64 28.13 25.02
N LYS D 108 3.57 27.01 24.32
CA LYS D 108 4.50 26.74 23.20
C LYS D 108 3.86 27.31 21.94
N ILE D 109 4.67 27.49 20.90
CA ILE D 109 4.23 28.00 19.62
C ILE D 109 4.27 26.87 18.62
N LEU D 110 3.18 26.69 17.91
CA LEU D 110 3.00 25.69 16.87
C LEU D 110 3.17 26.42 15.55
N GLY D 111 4.11 25.97 14.75
CA GLY D 111 4.29 26.52 13.42
C GLY D 111 4.06 25.52 12.32
N ILE D 112 3.57 26.00 11.17
CA ILE D 112 3.40 25.19 9.96
C ILE D 112 4.18 25.90 8.85
N ALA D 113 4.86 25.13 8.01
CA ALA D 113 5.52 25.68 6.81
C ALA D 113 4.99 24.92 5.60
N ARG D 114 4.42 25.64 4.63
CA ARG D 114 3.82 25.05 3.43
C ARG D 114 4.59 25.59 2.25
N ASP D 115 4.96 24.73 1.29
CA ASP D 115 5.71 25.23 0.14
C ASP D 115 4.77 26.14 -0.64
N VAL D 116 5.31 27.14 -1.34
CA VAL D 116 4.51 27.99 -2.25
C VAL D 116 5.37 28.50 -3.40
C ACT E . 18.30 -18.99 -16.67
O ACT E . 19.25 -19.45 -17.34
OXT ACT E . 18.57 -17.99 -15.98
CH3 ACT E . 16.93 -19.61 -16.70
C ACT F . 10.82 -24.59 -8.81
O ACT F . 11.19 -25.26 -9.75
OXT ACT F . 10.03 -25.17 -7.95
CH3 ACT F . 11.34 -23.26 -8.75
C ACT G . -14.73 -27.42 -4.27
O ACT G . -15.28 -26.34 -4.61
OXT ACT G . -15.51 -28.37 -3.95
CH3 ACT G . -13.22 -27.56 -4.23
C ACT H . -5.24 -27.43 -12.84
O ACT H . -6.09 -26.68 -12.41
OXT ACT H . -4.57 -26.95 -13.81
CH3 ACT H . -5.05 -28.79 -12.24
C ACT I . -21.40 -17.00 -6.53
O ACT I . -20.52 -17.48 -7.27
OXT ACT I . -22.14 -17.85 -5.99
CH3 ACT I . -21.51 -15.52 -6.30
C ACT J . -13.45 8.35 0.15
O ACT J . -14.10 8.35 1.22
OXT ACT J . -13.98 7.74 -0.84
CH3 ACT J . -12.13 9.06 0.07
C ACT K . -8.50 19.70 0.65
O ACT K . -9.36 19.24 1.42
OXT ACT K . -8.29 18.98 -0.34
CH3 ACT K . -7.80 21.03 0.89
C ACT L . 13.02 31.14 10.64
O ACT L . 13.78 32.07 10.27
OXT ACT L . 13.38 30.48 11.67
CH3 ACT L . 11.73 30.83 9.96
C ACT M . 7.95 38.10 5.40
O ACT M . 9.07 38.04 4.89
OXT ACT M . 8.05 37.82 6.51
CH3 ACT M . 6.65 38.53 4.67
C ACT N . 7.98 22.13 3.61
O ACT N . 8.58 22.13 4.68
OXT ACT N . 7.00 21.34 3.54
CH3 ACT N . 8.40 23.01 2.47
#